data_7K06
#
_entry.id   7K06
#
_cell.length_a   58.417
_cell.length_b   74.234
_cell.length_c   96.836
_cell.angle_alpha   90.000
_cell.angle_beta   90.000
_cell.angle_gamma   90.000
#
_symmetry.space_group_name_H-M   'P 21 21 21'
#
loop_
_entity.id
_entity.type
_entity.pdbx_description
1 polymer 'ERI1 exoribonuclease 3'
2 non-polymer "CYTIDINE-5'-MONOPHOSPHATE"
3 non-polymer 'MAGNESIUM ION'
4 water water
#
_entity_poly.entity_id   1
_entity_poly.type   'polypeptide(L)'
_entity_poly.pdbx_seq_one_letter_code
;MHHHHHHENLYFQSMSFPPQRYHYFLVLDFEATCDKPQIHPQEIIEFPILKLNGRTMEIESTFHMYVQPVVHPQLTPFCT
ELTGIIQAMVDGQPSLQQVLERVDEWMAKEGLLDPNVKSIFVTCGDWDLKVMLPGQCQYLGLPVADYFKQWINLKKAYSF
AMGCWPKNGLLDMNKGLSLQHIGRPHSGIDDCKNIANIMKTLAYRGFIFKQTSKPF
;
_entity_poly.pdbx_strand_id   A,B
#
# COMPACT_ATOMS: atom_id res chain seq x y z
N MET A 15 3.28 18.54 -25.08
CA MET A 15 2.93 18.85 -23.70
C MET A 15 4.09 18.53 -22.77
N SER A 16 4.85 19.55 -22.39
CA SER A 16 5.98 19.36 -21.49
C SER A 16 5.48 19.11 -20.07
N PHE A 17 6.04 18.08 -19.42
CA PHE A 17 5.65 17.68 -18.07
C PHE A 17 4.14 17.52 -17.96
N PRO A 18 3.56 16.52 -18.61
CA PRO A 18 2.12 16.33 -18.55
C PRO A 18 1.70 15.81 -17.19
N PRO A 19 0.40 15.78 -16.91
CA PRO A 19 -0.06 15.10 -15.68
C PRO A 19 0.35 13.64 -15.71
N GLN A 20 0.76 13.14 -14.55
CA GLN A 20 1.19 11.76 -14.42
C GLN A 20 0.16 10.98 -13.62
N ARG A 21 0.28 9.65 -13.67
CA ARG A 21 -0.66 8.77 -13.02
C ARG A 21 -0.34 8.52 -11.56
N TYR A 22 0.76 9.06 -11.06
CA TYR A 22 1.21 8.80 -9.70
C TYR A 22 1.57 10.10 -9.02
N HIS A 23 1.28 10.20 -7.73
CA HIS A 23 1.70 11.36 -6.96
C HIS A 23 3.20 11.35 -6.73
N TYR A 24 3.82 10.18 -6.64
CA TYR A 24 5.25 10.10 -6.38
C TYR A 24 5.83 8.88 -7.07
N PHE A 25 7.10 8.99 -7.47
CA PHE A 25 7.86 7.87 -7.99
C PHE A 25 9.00 7.55 -7.02
N LEU A 26 9.18 6.27 -6.72
CA LEU A 26 10.20 5.83 -5.77
C LEU A 26 11.31 5.14 -6.57
N VAL A 27 12.40 5.85 -6.79
CA VAL A 27 13.54 5.33 -7.54
C VAL A 27 14.37 4.45 -6.62
N LEU A 28 14.63 3.21 -7.04
CA LEU A 28 15.39 2.25 -6.26
C LEU A 28 16.42 1.57 -7.14
N ASP A 29 17.60 1.31 -6.57
CA ASP A 29 18.66 0.61 -7.30
C ASP A 29 19.57 -0.06 -6.28
N PHE A 30 19.38 -1.36 -6.07
CA PHE A 30 20.19 -2.09 -5.11
C PHE A 30 21.63 -2.21 -5.57
N GLU A 31 22.54 -2.35 -4.61
CA GLU A 31 23.81 -3.01 -4.82
C GLU A 31 23.85 -4.23 -3.93
N ALA A 32 24.52 -5.29 -4.40
CA ALA A 32 24.52 -6.56 -3.70
C ALA A 32 25.94 -7.12 -3.67
N THR A 33 26.19 -8.00 -2.69
CA THR A 33 27.43 -8.77 -2.70
C THR A 33 27.60 -9.48 -4.03
N CYS A 34 28.84 -9.63 -4.47
CA CYS A 34 29.11 -10.20 -5.76
C CYS A 34 30.55 -10.72 -5.78
N ASP A 35 30.90 -11.38 -6.88
CA ASP A 35 32.24 -11.91 -7.11
C ASP A 35 32.30 -12.35 -8.57
N LYS A 36 33.48 -12.83 -8.98
CA LYS A 36 33.66 -13.44 -10.30
C LYS A 36 34.42 -14.74 -10.10
N PRO A 37 33.79 -15.91 -10.34
CA PRO A 37 32.39 -16.09 -10.73
C PRO A 37 31.42 -15.65 -9.65
N GLN A 38 30.15 -15.50 -10.01
CA GLN A 38 29.20 -14.81 -9.14
C GLN A 38 29.04 -15.52 -7.81
N ILE A 39 28.96 -14.72 -6.74
CA ILE A 39 28.77 -15.26 -5.41
C ILE A 39 27.36 -15.85 -5.29
N HIS A 40 27.19 -16.80 -4.36
CA HIS A 40 25.84 -17.34 -4.15
C HIS A 40 25.63 -17.70 -2.67
N PRO A 41 24.55 -17.23 -2.05
CA PRO A 41 23.60 -16.30 -2.68
C PRO A 41 24.08 -14.85 -2.59
N GLN A 42 23.55 -14.00 -3.46
CA GLN A 42 23.79 -12.58 -3.36
C GLN A 42 22.95 -11.99 -2.24
N GLU A 43 23.43 -10.90 -1.65
CA GLU A 43 22.75 -10.23 -0.56
C GLU A 43 22.79 -8.72 -0.77
N ILE A 44 21.67 -8.06 -0.51
CA ILE A 44 21.60 -6.62 -0.66
C ILE A 44 22.55 -5.95 0.34
N ILE A 45 23.38 -5.04 -0.15
CA ILE A 45 24.27 -4.27 0.72
C ILE A 45 24.05 -2.76 0.65
N GLU A 46 23.28 -2.26 -0.31
CA GLU A 46 22.94 -0.85 -0.35
C GLU A 46 21.49 -0.72 -0.76
N PHE A 47 20.72 0.06 0.00
CA PHE A 47 19.27 0.15 -0.14
C PHE A 47 18.90 1.63 -0.28
N PRO A 48 18.94 2.17 -1.48
CA PRO A 48 18.54 3.57 -1.68
C PRO A 48 17.13 3.71 -2.26
N ILE A 49 16.40 4.73 -1.81
CA ILE A 49 15.14 5.10 -2.42
C ILE A 49 15.12 6.62 -2.57
N LEU A 50 14.90 7.10 -3.79
CA LEU A 50 14.65 8.52 -4.05
C LEU A 50 13.17 8.72 -4.30
N LYS A 51 12.55 9.59 -3.51
CA LYS A 51 11.15 9.92 -3.70
C LYS A 51 11.04 11.13 -4.61
N LEU A 52 10.43 10.94 -5.79
CA LEU A 52 10.30 12.00 -6.77
C LEU A 52 8.89 12.57 -6.75
N ASN A 53 8.80 13.90 -6.86
CA ASN A 53 7.52 14.55 -7.11
C ASN A 53 6.92 13.99 -8.40
N GLY A 54 5.65 13.56 -8.33
CA GLY A 54 5.08 12.83 -9.44
C GLY A 54 4.97 13.63 -10.72
N ARG A 55 4.87 14.95 -10.61
CA ARG A 55 4.69 15.80 -11.78
C ARG A 55 6.02 16.31 -12.32
N THR A 56 6.89 16.82 -11.44
CA THR A 56 8.12 17.46 -11.86
C THR A 56 9.33 16.53 -11.89
N MET A 57 9.23 15.34 -11.30
CA MET A 57 10.33 14.39 -11.15
C MET A 57 11.44 14.92 -10.25
N GLU A 58 11.22 16.02 -9.53
CA GLU A 58 12.24 16.54 -8.63
C GLU A 58 12.37 15.65 -7.39
N ILE A 59 13.60 15.50 -6.92
CA ILE A 59 13.87 14.70 -5.72
C ILE A 59 13.40 15.47 -4.50
N GLU A 60 12.53 14.85 -3.70
CA GLU A 60 12.03 15.49 -2.49
C GLU A 60 12.46 14.80 -1.20
N SER A 61 12.79 13.52 -1.24
CA SER A 61 13.27 12.83 -0.04
CA SER A 61 13.22 12.80 -0.04
C SER A 61 14.12 11.65 -0.45
N THR A 62 15.03 11.26 0.43
CA THR A 62 15.97 10.18 0.16
C THR A 62 16.00 9.22 1.34
N PHE A 63 15.80 7.94 1.07
CA PHE A 63 16.14 6.87 2.00
C PHE A 63 17.44 6.23 1.54
N HIS A 64 18.37 6.00 2.46
CA HIS A 64 19.64 5.39 2.07
C HIS A 64 20.27 4.70 3.26
N MET A 65 20.39 3.38 3.20
CA MET A 65 21.09 2.61 4.21
C MET A 65 21.96 1.56 3.56
N TYR A 66 23.17 1.41 4.05
CA TYR A 66 23.95 0.23 3.73
C TYR A 66 23.49 -0.91 4.63
N VAL A 67 23.66 -2.13 4.14
CA VAL A 67 23.07 -3.31 4.77
C VAL A 67 24.18 -4.31 5.05
N GLN A 68 24.13 -4.93 6.23
CA GLN A 68 25.17 -5.87 6.63
C GLN A 68 24.84 -7.25 6.07
N PRO A 69 25.62 -7.78 5.13
CA PRO A 69 25.37 -9.15 4.66
C PRO A 69 25.74 -10.15 5.73
N VAL A 70 25.05 -11.29 5.70
CA VAL A 70 25.17 -12.30 6.75
C VAL A 70 25.68 -13.63 6.23
N VAL A 71 25.19 -14.10 5.08
CA VAL A 71 25.64 -15.38 4.56
C VAL A 71 27.09 -15.31 4.13
N HIS A 72 27.46 -14.26 3.39
CA HIS A 72 28.85 -13.99 3.03
C HIS A 72 29.19 -12.61 3.60
N PRO A 73 29.59 -12.54 4.87
CA PRO A 73 29.70 -11.24 5.53
C PRO A 73 30.89 -10.39 5.09
N GLN A 74 31.89 -10.97 4.45
CA GLN A 74 33.07 -10.22 4.02
C GLN A 74 32.96 -9.87 2.55
N LEU A 75 33.00 -8.59 2.23
CA LEU A 75 32.91 -8.15 0.84
C LEU A 75 34.14 -8.59 0.08
N THR A 76 33.95 -9.13 -1.12
CA THR A 76 35.06 -9.55 -1.95
C THR A 76 35.77 -8.34 -2.54
N PRO A 77 37.03 -8.50 -2.95
CA PRO A 77 37.70 -7.41 -3.69
C PRO A 77 36.92 -6.96 -4.91
N PHE A 78 36.35 -7.91 -5.67
CA PHE A 78 35.54 -7.52 -6.82
C PHE A 78 34.37 -6.64 -6.39
N CYS A 79 33.67 -7.03 -5.33
CA CYS A 79 32.51 -6.28 -4.89
C CYS A 79 32.87 -4.85 -4.51
N THR A 80 33.95 -4.69 -3.74
CA THR A 80 34.38 -3.36 -3.37
C THR A 80 34.86 -2.56 -4.57
N GLU A 81 35.55 -3.22 -5.51
CA GLU A 81 35.99 -2.53 -6.71
C GLU A 81 34.81 -2.12 -7.58
N LEU A 82 33.80 -2.99 -7.70
CA LEU A 82 32.66 -2.69 -8.56
C LEU A 82 31.83 -1.55 -7.99
N THR A 83 31.44 -1.66 -6.71
CA THR A 83 30.48 -0.74 -6.11
C THR A 83 31.13 0.42 -5.37
N GLY A 84 32.41 0.32 -5.03
CA GLY A 84 33.02 1.29 -4.16
C GLY A 84 32.68 1.14 -2.70
N ILE A 85 31.88 0.15 -2.34
CA ILE A 85 31.47 -0.06 -0.95
C ILE A 85 32.56 -0.84 -0.23
N ILE A 86 33.13 -0.26 0.82
CA ILE A 86 34.17 -0.91 1.59
C ILE A 86 33.55 -1.60 2.80
N GLN A 87 34.33 -2.50 3.40
CA GLN A 87 33.80 -3.33 4.49
C GLN A 87 33.28 -2.49 5.64
N ALA A 88 33.95 -1.38 5.95
CA ALA A 88 33.53 -0.55 7.08
C ALA A 88 32.16 0.09 6.86
N MET A 89 31.70 0.17 5.62
CA MET A 89 30.38 0.72 5.35
C MET A 89 29.26 -0.26 5.67
N VAL A 90 29.54 -1.57 5.67
CA VAL A 90 28.52 -2.55 5.99
C VAL A 90 28.69 -3.15 7.38
N ASP A 91 29.90 -3.16 7.94
CA ASP A 91 30.08 -3.58 9.32
C ASP A 91 29.23 -2.73 10.25
N GLY A 92 28.59 -3.37 11.21
CA GLY A 92 27.78 -2.67 12.18
C GLY A 92 26.45 -2.17 11.67
N GLN A 93 26.12 -2.42 10.41
CA GLN A 93 24.85 -2.00 9.85
C GLN A 93 23.75 -3.00 10.24
N PRO A 94 22.49 -2.57 10.20
CA PRO A 94 21.39 -3.53 10.35
C PRO A 94 21.37 -4.49 9.16
N SER A 95 20.76 -5.66 9.39
CA SER A 95 20.59 -6.62 8.32
C SER A 95 19.33 -6.28 7.52
N LEU A 96 19.11 -7.03 6.44
CA LEU A 96 18.01 -6.69 5.54
C LEU A 96 16.68 -6.63 6.26
N GLN A 97 16.44 -7.57 7.19
CA GLN A 97 15.18 -7.59 7.93
C GLN A 97 14.91 -6.25 8.61
N GLN A 98 15.93 -5.67 9.26
CA GLN A 98 15.71 -4.40 9.96
C GLN A 98 15.61 -3.24 8.98
N VAL A 99 16.39 -3.29 7.90
CA VAL A 99 16.35 -2.20 6.93
C VAL A 99 14.96 -2.14 6.28
N LEU A 100 14.36 -3.30 6.00
CA LEU A 100 13.01 -3.33 5.46
C LEU A 100 12.01 -2.74 6.44
N GLU A 101 12.24 -2.92 7.75
CA GLU A 101 11.40 -2.25 8.74
C GLU A 101 11.63 -0.75 8.76
N ARG A 102 12.89 -0.32 8.53
CA ARG A 102 13.16 1.12 8.42
C ARG A 102 12.50 1.71 7.18
N VAL A 103 12.48 0.96 6.07
CA VAL A 103 11.78 1.43 4.87
C VAL A 103 10.31 1.67 5.16
N ASP A 104 9.68 0.72 5.85
CA ASP A 104 8.26 0.86 6.17
C ASP A 104 8.00 2.11 7.00
N GLU A 105 8.86 2.38 7.98
CA GLU A 105 8.71 3.61 8.77
C GLU A 105 8.93 4.84 7.91
N TRP A 106 9.94 4.81 7.05
CA TRP A 106 10.18 5.92 6.14
C TRP A 106 8.97 6.17 5.25
N MET A 107 8.40 5.09 4.69
CA MET A 107 7.19 5.21 3.89
C MET A 107 6.07 5.87 4.67
N ALA A 108 5.86 5.44 5.92
CA ALA A 108 4.81 5.99 6.75
C ALA A 108 5.01 7.49 6.96
N LYS A 109 6.23 7.89 7.32
CA LYS A 109 6.49 9.30 7.59
C LYS A 109 6.35 10.15 6.34
N GLU A 110 6.71 9.59 5.18
CA GLU A 110 6.54 10.31 3.92
C GLU A 110 5.08 10.46 3.54
N GLY A 111 4.18 9.69 4.16
CA GLY A 111 2.78 9.70 3.77
C GLY A 111 2.46 8.77 2.62
N LEU A 112 3.35 7.86 2.27
CA LEU A 112 3.17 6.99 1.12
C LEU A 112 2.31 5.77 1.41
N LEU A 113 1.90 5.55 2.66
CA LEU A 113 1.04 4.43 2.99
C LEU A 113 -0.44 4.79 2.95
N ASP A 114 -0.77 5.99 2.51
CA ASP A 114 -2.16 6.38 2.32
C ASP A 114 -2.68 5.73 1.03
N PRO A 115 -3.79 5.00 1.09
CA PRO A 115 -4.34 4.42 -0.15
C PRO A 115 -4.64 5.44 -1.23
N ASN A 116 -4.94 6.67 -0.85
CA ASN A 116 -5.26 7.72 -1.81
C ASN A 116 -4.03 8.46 -2.31
N VAL A 117 -2.84 8.15 -1.81
CA VAL A 117 -1.58 8.65 -2.36
C VAL A 117 -1.01 7.54 -3.24
N LYS A 118 -0.90 7.81 -4.54
CA LYS A 118 -0.48 6.81 -5.50
C LYS A 118 1.01 6.94 -5.78
N SER A 119 1.76 5.88 -5.55
CA SER A 119 3.19 5.86 -5.83
C SER A 119 3.56 4.52 -6.45
N ILE A 120 4.72 4.49 -7.10
CA ILE A 120 5.22 3.27 -7.72
C ILE A 120 6.74 3.32 -7.75
N PHE A 121 7.37 2.16 -7.61
CA PHE A 121 8.82 2.08 -7.70
C PHE A 121 9.28 2.10 -9.15
N VAL A 122 10.46 2.67 -9.36
CA VAL A 122 11.09 2.73 -10.67
C VAL A 122 12.49 2.17 -10.54
N THR A 123 12.82 1.18 -11.37
CA THR A 123 14.14 0.55 -11.34
C THR A 123 14.68 0.48 -12.76
N CYS A 124 16.00 0.40 -12.87
CA CYS A 124 16.65 0.17 -14.16
C CYS A 124 16.72 -1.34 -14.37
N GLY A 125 15.76 -1.88 -15.09
CA GLY A 125 15.61 -3.31 -15.25
C GLY A 125 14.57 -3.86 -14.28
N ASP A 126 14.32 -5.16 -14.40
CA ASP A 126 13.43 -5.86 -13.49
C ASP A 126 14.17 -6.55 -12.35
N TRP A 127 15.50 -6.60 -12.39
CA TRP A 127 16.24 -7.49 -11.50
C TRP A 127 15.97 -7.17 -10.03
N ASP A 128 15.93 -5.89 -9.68
CA ASP A 128 15.90 -5.50 -8.27
C ASP A 128 14.68 -6.06 -7.55
N LEU A 129 13.49 -5.89 -8.13
CA LEU A 129 12.27 -6.28 -7.45
C LEU A 129 11.65 -7.56 -8.01
N LYS A 130 12.10 -8.04 -9.17
CA LYS A 130 11.65 -9.33 -9.66
C LYS A 130 12.52 -10.47 -9.16
N VAL A 131 13.81 -10.22 -8.93
CA VAL A 131 14.75 -11.26 -8.59
C VAL A 131 15.37 -11.05 -7.21
N MET A 132 16.07 -9.92 -7.02
CA MET A 132 16.94 -9.76 -5.86
C MET A 132 16.15 -9.74 -4.56
N LEU A 133 15.26 -8.76 -4.41
CA LEU A 133 14.53 -8.63 -3.13
C LEU A 133 13.64 -9.83 -2.84
N PRO A 134 12.77 -10.31 -3.75
CA PRO A 134 11.97 -11.50 -3.40
C PRO A 134 12.82 -12.72 -3.12
N GLY A 135 13.91 -12.89 -3.86
CA GLY A 135 14.78 -14.05 -3.65
C GLY A 135 15.42 -14.06 -2.28
N GLN A 136 15.97 -12.91 -1.85
CA GLN A 136 16.55 -12.86 -0.51
C GLN A 136 15.48 -12.95 0.56
N CYS A 137 14.34 -12.28 0.36
CA CYS A 137 13.26 -12.38 1.35
C CYS A 137 12.79 -13.81 1.51
N GLN A 138 12.66 -14.54 0.39
CA GLN A 138 12.29 -15.95 0.47
C GLN A 138 13.34 -16.75 1.23
N TYR A 139 14.61 -16.50 0.93
CA TYR A 139 15.72 -17.15 1.65
C TYR A 139 15.62 -16.90 3.15
N LEU A 140 15.25 -15.68 3.55
CA LEU A 140 15.18 -15.31 4.95
C LEU A 140 13.83 -15.59 5.58
N GLY A 141 12.84 -16.00 4.80
CA GLY A 141 11.51 -16.20 5.34
C GLY A 141 10.80 -14.91 5.69
N LEU A 142 11.10 -13.84 4.98
CA LEU A 142 10.50 -12.53 5.22
C LEU A 142 9.44 -12.22 4.20
N PRO A 143 8.28 -11.72 4.62
CA PRO A 143 7.26 -11.30 3.66
C PRO A 143 7.70 -10.04 2.93
N VAL A 144 7.36 -9.96 1.65
CA VAL A 144 7.67 -8.78 0.84
C VAL A 144 6.50 -7.81 0.94
N ALA A 145 6.79 -6.58 1.37
CA ALA A 145 5.75 -5.57 1.46
C ALA A 145 5.09 -5.35 0.10
N ASP A 146 3.79 -5.06 0.13
CA ASP A 146 3.01 -5.06 -1.11
C ASP A 146 3.44 -3.94 -2.05
N TYR A 147 3.97 -2.83 -1.52
CA TYR A 147 4.38 -1.75 -2.41
C TYR A 147 5.64 -2.09 -3.20
N PHE A 148 6.33 -3.19 -2.90
CA PHE A 148 7.47 -3.65 -3.68
C PHE A 148 7.05 -4.51 -4.88
N LYS A 149 5.77 -4.81 -5.04
CA LYS A 149 5.34 -5.80 -6.00
C LYS A 149 4.91 -5.23 -7.35
N GLN A 150 4.85 -3.90 -7.47
CA GLN A 150 4.61 -3.24 -8.74
C GLN A 150 5.73 -2.25 -8.99
N TRP A 151 6.15 -2.12 -10.24
CA TRP A 151 7.24 -1.20 -10.54
C TRP A 151 7.23 -0.87 -12.01
N ILE A 152 8.04 0.13 -12.36
CA ILE A 152 8.29 0.54 -13.74
C ILE A 152 9.73 0.19 -14.07
N ASN A 153 9.92 -0.66 -15.07
CA ASN A 153 11.24 -0.92 -15.63
C ASN A 153 11.60 0.25 -16.55
N LEU A 154 12.60 1.03 -16.16
CA LEU A 154 12.93 2.25 -16.91
C LEU A 154 13.35 1.93 -18.34
N LYS A 155 14.07 0.82 -18.54
CA LYS A 155 14.44 0.42 -19.90
C LYS A 155 13.21 0.23 -20.78
N LYS A 156 12.19 -0.44 -20.25
CA LYS A 156 10.96 -0.62 -21.02
C LYS A 156 10.26 0.72 -21.25
N ALA A 157 10.18 1.55 -20.21
CA ALA A 157 9.58 2.88 -20.35
C ALA A 157 10.32 3.71 -21.39
N TYR A 158 11.64 3.77 -21.28
CA TYR A 158 12.46 4.46 -22.27
C TYR A 158 12.18 3.94 -23.68
N SER A 159 11.99 2.62 -23.82
CA SER A 159 11.76 2.06 -25.14
C SER A 159 10.45 2.55 -25.76
N PHE A 160 9.44 2.82 -24.94
CA PHE A 160 8.22 3.42 -25.48
C PHE A 160 8.39 4.91 -25.73
N ALA A 161 9.12 5.61 -24.85
CA ALA A 161 9.28 7.05 -25.00
C ALA A 161 10.18 7.39 -26.19
N MET A 162 11.24 6.62 -26.40
CA MET A 162 12.20 6.90 -27.45
C MET A 162 12.06 6.00 -28.66
N GLY A 163 11.28 4.92 -28.56
CA GLY A 163 11.12 4.01 -29.68
C GLY A 163 12.29 3.08 -29.91
N CYS A 164 13.18 2.92 -28.94
CA CYS A 164 14.35 2.07 -29.14
C CYS A 164 14.77 1.42 -27.83
N TRP A 165 15.46 0.29 -27.96
CA TRP A 165 15.93 -0.48 -26.80
C TRP A 165 17.35 -0.08 -26.46
N PRO A 166 17.60 0.53 -25.30
CA PRO A 166 18.98 0.84 -24.91
C PRO A 166 19.78 -0.42 -24.69
N LYS A 167 21.06 -0.38 -25.09
CA LYS A 167 21.89 -1.59 -25.01
C LYS A 167 22.44 -1.80 -23.60
N ASN A 168 23.05 -0.78 -23.02
CA ASN A 168 23.70 -0.89 -21.71
C ASN A 168 23.05 0.09 -20.73
N GLY A 169 21.79 -0.17 -20.39
CA GLY A 169 21.20 0.42 -19.20
C GLY A 169 21.30 1.93 -19.12
N LEU A 170 21.68 2.42 -17.94
CA LEU A 170 21.69 3.86 -17.68
C LEU A 170 22.68 4.58 -18.58
N LEU A 171 23.82 3.97 -18.85
CA LEU A 171 24.84 4.63 -19.67
C LEU A 171 24.29 4.96 -21.05
N ASP A 172 23.63 4.00 -21.69
CA ASP A 172 23.12 4.22 -23.03
C ASP A 172 21.87 5.10 -23.04
N MET A 173 21.08 5.08 -21.96
CA MET A 173 19.92 5.96 -21.89
C MET A 173 20.36 7.42 -21.73
N ASN A 174 21.36 7.68 -20.87
CA ASN A 174 21.94 9.02 -20.81
C ASN A 174 22.53 9.43 -22.16
N LYS A 175 23.20 8.49 -22.84
CA LYS A 175 23.76 8.80 -24.15
C LYS A 175 22.68 9.20 -25.14
N GLY A 176 21.57 8.45 -25.16
CA GLY A 176 20.49 8.76 -26.07
C GLY A 176 19.87 10.13 -25.80
N LEU A 177 19.83 10.53 -24.54
CA LEU A 177 19.22 11.78 -24.13
C LEU A 177 20.23 12.92 -23.97
N SER A 178 21.49 12.68 -24.35
CA SER A 178 22.53 13.70 -24.28
C SER A 178 22.69 14.26 -22.87
N LEU A 179 22.67 13.37 -21.87
CA LEU A 179 22.80 13.75 -20.47
C LEU A 179 24.15 13.28 -19.94
N GLN A 180 24.77 14.11 -19.11
CA GLN A 180 26.01 13.72 -18.45
C GLN A 180 25.71 12.79 -17.29
N HIS A 181 26.52 11.75 -17.15
CA HIS A 181 26.30 10.77 -16.10
C HIS A 181 26.55 11.40 -14.73
N ILE A 182 25.65 11.12 -13.79
CA ILE A 182 25.73 11.67 -12.44
C ILE A 182 26.49 10.69 -11.56
N GLY A 183 27.60 11.17 -10.98
CA GLY A 183 28.31 10.38 -9.99
C GLY A 183 28.96 9.13 -10.56
N ARG A 184 28.98 8.08 -9.74
CA ARG A 184 29.74 6.86 -9.96
C ARG A 184 28.83 5.72 -10.39
N PRO A 185 29.10 5.06 -11.50
CA PRO A 185 28.33 3.86 -11.85
C PRO A 185 28.48 2.77 -10.80
N HIS A 186 27.40 2.02 -10.58
CA HIS A 186 27.30 0.93 -9.61
C HIS A 186 27.33 1.42 -8.17
N SER A 187 27.22 2.73 -7.94
CA SER A 187 26.83 3.25 -6.65
C SER A 187 25.31 3.32 -6.64
N GLY A 188 24.68 2.68 -5.67
CA GLY A 188 23.22 2.62 -5.66
C GLY A 188 22.59 4.00 -5.68
N ILE A 189 23.03 4.87 -4.78
CA ILE A 189 22.46 6.21 -4.70
C ILE A 189 22.72 7.01 -5.98
N ASP A 190 23.91 6.86 -6.55
CA ASP A 190 24.22 7.57 -7.79
C ASP A 190 23.42 7.01 -8.97
N ASP A 191 23.24 5.70 -9.01
CA ASP A 191 22.38 5.12 -10.05
C ASP A 191 20.96 5.68 -9.93
N CYS A 192 20.47 5.86 -8.70
CA CYS A 192 19.15 6.42 -8.51
C CYS A 192 19.04 7.83 -9.07
N LYS A 193 20.08 8.65 -8.87
CA LYS A 193 20.04 10.01 -9.39
C LYS A 193 20.01 10.04 -10.92
N ASN A 194 20.68 9.07 -11.56
CA ASN A 194 20.62 9.00 -13.02
C ASN A 194 19.24 8.60 -13.50
N ILE A 195 18.63 7.62 -12.83
CA ILE A 195 17.26 7.23 -13.15
C ILE A 195 16.33 8.43 -13.03
N ALA A 196 16.45 9.18 -11.93
CA ALA A 196 15.61 10.36 -11.74
C ALA A 196 15.86 11.40 -12.83
N ASN A 197 17.12 11.58 -13.22
CA ASN A 197 17.44 12.56 -14.26
C ASN A 197 16.89 12.13 -15.61
N ILE A 198 17.00 10.84 -15.94
CA ILE A 198 16.41 10.31 -17.18
C ILE A 198 14.90 10.50 -17.16
N MET A 199 14.26 10.16 -16.03
CA MET A 199 12.82 10.33 -15.91
C MET A 199 12.41 11.78 -16.13
N LYS A 200 13.16 12.72 -15.55
CA LYS A 200 12.82 14.13 -15.72
C LYS A 200 12.82 14.53 -17.19
N THR A 201 13.82 14.08 -17.94
CA THR A 201 13.91 14.40 -19.36
C THR A 201 12.79 13.74 -20.16
N LEU A 202 12.49 12.47 -19.87
CA LEU A 202 11.39 11.80 -20.55
C LEU A 202 10.07 12.53 -20.30
N ALA A 203 9.87 13.03 -19.08
CA ALA A 203 8.67 13.81 -18.78
C ALA A 203 8.69 15.15 -19.53
N TYR A 204 9.85 15.79 -19.60
CA TYR A 204 9.97 17.00 -20.41
C TYR A 204 9.55 16.74 -21.86
N ARG A 205 9.92 15.59 -22.41
CA ARG A 205 9.51 15.22 -23.76
C ARG A 205 8.04 14.87 -23.87
N GLY A 206 7.32 14.78 -22.75
CA GLY A 206 5.90 14.53 -22.77
C GLY A 206 5.48 13.11 -22.45
N PHE A 207 6.38 12.29 -21.91
CA PHE A 207 6.07 10.89 -21.65
C PHE A 207 5.29 10.75 -20.34
N ILE A 208 4.27 9.89 -20.38
CA ILE A 208 3.47 9.55 -19.21
C ILE A 208 3.87 8.15 -18.77
N PHE A 209 4.38 8.03 -17.55
CA PHE A 209 4.90 6.76 -17.08
C PHE A 209 3.77 5.80 -16.69
N LYS A 210 4.00 4.52 -16.94
CA LYS A 210 3.02 3.46 -16.69
C LYS A 210 3.70 2.29 -16.03
N GLN A 211 2.99 1.61 -15.14
CA GLN A 211 3.50 0.37 -14.56
C GLN A 211 3.82 -0.62 -15.68
N THR A 212 4.96 -1.30 -15.55
CA THR A 212 5.35 -2.32 -16.53
C THR A 212 5.39 -3.73 -15.97
N SER A 213 5.60 -3.87 -14.67
CA SER A 213 5.66 -5.19 -14.05
C SER A 213 4.35 -5.93 -14.25
N LYS A 214 4.44 -7.27 -14.30
CA LYS A 214 3.29 -8.10 -14.61
C LYS A 214 2.62 -8.67 -13.36
N MET B 15 -31.13 -13.82 -13.17
CA MET B 15 -30.14 -12.98 -13.84
C MET B 15 -28.99 -12.63 -12.91
N SER B 16 -27.98 -11.94 -13.44
CA SER B 16 -26.85 -11.46 -12.66
C SER B 16 -26.93 -9.93 -12.56
N PHE B 17 -26.46 -9.42 -11.42
CA PHE B 17 -26.44 -7.98 -11.13
C PHE B 17 -27.83 -7.39 -11.27
N PRO B 18 -28.76 -7.71 -10.37
CA PRO B 18 -30.11 -7.16 -10.47
C PRO B 18 -30.14 -5.73 -9.98
N PRO B 19 -31.24 -5.00 -10.25
CA PRO B 19 -31.36 -3.65 -9.68
C PRO B 19 -31.43 -3.73 -8.15
N GLN B 20 -30.61 -2.91 -7.51
CA GLN B 20 -30.53 -2.90 -6.06
C GLN B 20 -31.36 -1.76 -5.48
N ARG B 21 -31.67 -1.87 -4.19
CA ARG B 21 -32.48 -0.90 -3.49
C ARG B 21 -31.71 0.34 -3.06
N TYR B 22 -30.40 0.39 -3.33
CA TYR B 22 -29.55 1.49 -2.89
C TYR B 22 -28.70 1.98 -4.05
N HIS B 23 -28.44 3.30 -4.06
CA HIS B 23 -27.58 3.86 -5.09
C HIS B 23 -26.12 3.54 -4.83
N TYR B 24 -25.72 3.43 -3.57
CA TYR B 24 -24.33 3.18 -3.23
C TYR B 24 -24.26 2.34 -1.97
N PHE B 25 -23.24 1.51 -1.90
CA PHE B 25 -22.91 0.75 -0.68
C PHE B 25 -21.59 1.27 -0.13
N LEU B 26 -21.55 1.53 1.16
CA LEU B 26 -20.37 2.09 1.81
C LEU B 26 -19.72 0.98 2.63
N VAL B 27 -18.67 0.38 2.08
CA VAL B 27 -17.96 -0.70 2.78
C VAL B 27 -17.06 -0.09 3.84
N LEU B 28 -17.16 -0.60 5.07
CA LEU B 28 -16.39 -0.10 6.19
C LEU B 28 -15.87 -1.27 7.01
N ASP B 29 -14.63 -1.17 7.48
CA ASP B 29 -14.04 -2.22 8.31
C ASP B 29 -12.96 -1.58 9.18
N PHE B 30 -13.32 -1.30 10.44
CA PHE B 30 -12.38 -0.68 11.37
C PHE B 30 -11.23 -1.60 11.73
N GLU B 31 -10.10 -0.99 12.07
CA GLU B 31 -9.13 -1.60 12.96
C GLU B 31 -9.07 -0.78 14.23
N ALA B 32 -8.71 -1.43 15.34
CA ALA B 32 -8.69 -0.78 16.63
C ALA B 32 -7.49 -1.23 17.43
N THR B 33 -7.15 -0.45 18.47
CA THR B 33 -6.16 -0.88 19.44
C THR B 33 -6.57 -2.22 20.04
N CYS B 34 -5.58 -3.03 20.38
CA CYS B 34 -5.88 -4.34 20.94
C CYS B 34 -4.65 -4.88 21.66
N ASP B 35 -4.88 -5.95 22.42
CA ASP B 35 -3.82 -6.66 23.13
C ASP B 35 -4.39 -8.03 23.49
N LYS B 36 -3.52 -8.89 24.03
CA LYS B 36 -3.95 -10.18 24.56
C LYS B 36 -3.34 -10.33 25.96
N PRO B 37 -4.15 -10.24 27.03
CA PRO B 37 -5.61 -10.05 27.05
C PRO B 37 -6.04 -8.68 26.52
N GLN B 38 -7.30 -8.56 26.12
CA GLN B 38 -7.77 -7.36 25.43
C GLN B 38 -7.60 -6.13 26.30
N ILE B 39 -7.28 -5.00 25.65
CA ILE B 39 -7.17 -3.74 26.39
C ILE B 39 -8.55 -3.11 26.52
N HIS B 40 -8.65 -2.14 27.44
CA HIS B 40 -9.88 -1.41 27.67
C HIS B 40 -9.51 0.05 27.92
N PRO B 41 -10.13 0.99 27.19
CA PRO B 41 -11.05 0.65 26.11
C PRO B 41 -10.31 0.38 24.81
N GLN B 42 -11.01 -0.19 23.82
CA GLN B 42 -10.47 -0.26 22.48
C GLN B 42 -10.74 1.05 21.75
N GLU B 43 -9.80 1.43 20.88
CA GLU B 43 -9.86 2.70 20.17
C GLU B 43 -9.63 2.48 18.68
N ILE B 44 -10.45 3.11 17.85
CA ILE B 44 -10.29 2.98 16.41
C ILE B 44 -8.97 3.59 15.99
N ILE B 45 -8.23 2.86 15.15
CA ILE B 45 -6.98 3.37 14.59
C ILE B 45 -6.96 3.39 13.08
N GLU B 46 -7.92 2.77 12.41
CA GLU B 46 -8.02 2.83 10.95
C GLU B 46 -9.49 2.94 10.56
N PHE B 47 -9.80 3.92 9.71
CA PHE B 47 -11.17 4.28 9.36
C PHE B 47 -11.28 4.30 7.84
N PRO B 48 -11.56 3.15 7.22
CA PRO B 48 -11.73 3.12 5.76
C PRO B 48 -13.19 3.06 5.32
N ILE B 49 -13.52 3.69 4.20
CA ILE B 49 -14.83 3.58 3.57
C ILE B 49 -14.63 3.49 2.07
N LEU B 50 -15.20 2.45 1.46
CA LEU B 50 -15.23 2.31 0.01
C LEU B 50 -16.64 2.62 -0.48
N LYS B 51 -16.76 3.61 -1.36
CA LYS B 51 -18.03 3.94 -2.00
C LYS B 51 -18.22 3.01 -3.20
N LEU B 52 -19.17 2.08 -3.09
CA LEU B 52 -19.44 1.11 -4.13
C LEU B 52 -20.61 1.56 -4.98
N ASN B 53 -20.52 1.33 -6.29
CA ASN B 53 -21.67 1.57 -7.15
C ASN B 53 -22.78 0.61 -6.77
N GLY B 54 -23.98 1.16 -6.57
CA GLY B 54 -25.10 0.36 -6.07
C GLY B 54 -25.46 -0.82 -6.94
N ARG B 55 -25.17 -0.75 -8.24
CA ARG B 55 -25.51 -1.84 -9.15
C ARG B 55 -24.34 -2.79 -9.39
N THR B 56 -23.17 -2.25 -9.72
CA THR B 56 -22.04 -3.07 -10.14
C THR B 56 -21.16 -3.52 -8.98
N MET B 57 -21.23 -2.85 -7.83
CA MET B 57 -20.38 -3.05 -6.66
C MET B 57 -18.95 -2.58 -6.88
N GLU B 58 -18.67 -1.90 -8.00
CA GLU B 58 -17.32 -1.43 -8.26
C GLU B 58 -16.96 -0.26 -7.34
N ILE B 59 -15.68 -0.16 -7.03
CA ILE B 59 -15.17 0.90 -6.16
C ILE B 59 -15.07 2.19 -6.96
N GLU B 60 -15.74 3.24 -6.49
CA GLU B 60 -15.71 4.53 -7.16
C GLU B 60 -15.05 5.62 -6.34
N SER B 61 -15.03 5.50 -5.01
CA SER B 61 -14.31 6.46 -4.18
C SER B 61 -13.84 5.74 -2.91
N THR B 62 -12.74 6.23 -2.35
CA THR B 62 -12.15 5.65 -1.14
C THR B 62 -11.93 6.75 -0.13
N PHE B 63 -12.55 6.62 1.03
CA PHE B 63 -12.15 7.40 2.20
C PHE B 63 -11.20 6.56 3.03
N HIS B 64 -10.12 7.17 3.50
CA HIS B 64 -9.22 6.43 4.37
C HIS B 64 -8.45 7.37 5.29
N MET B 65 -8.46 7.06 6.58
CA MET B 65 -7.67 7.79 7.56
C MET B 65 -7.23 6.83 8.66
N TYR B 66 -5.95 6.85 8.99
CA TYR B 66 -5.52 6.32 10.26
C TYR B 66 -5.89 7.33 11.35
N VAL B 67 -6.11 6.82 12.56
CA VAL B 67 -6.65 7.62 13.65
C VAL B 67 -5.72 7.49 14.85
N GLN B 68 -5.47 8.62 15.52
CA GLN B 68 -4.60 8.61 16.69
C GLN B 68 -5.34 8.12 17.92
N PRO B 69 -4.97 6.98 18.48
CA PRO B 69 -5.54 6.57 19.78
C PRO B 69 -4.99 7.45 20.90
N VAL B 70 -5.84 7.68 21.89
CA VAL B 70 -5.56 8.64 22.95
C VAL B 70 -5.37 7.93 24.30
N VAL B 71 -6.31 7.08 24.69
CA VAL B 71 -6.25 6.46 26.01
C VAL B 71 -5.04 5.55 26.12
N HIS B 72 -4.80 4.72 25.09
CA HIS B 72 -3.63 3.86 25.00
C HIS B 72 -2.89 4.24 23.72
N PRO B 73 -2.06 5.29 23.77
CA PRO B 73 -1.53 5.85 22.52
C PRO B 73 -0.45 4.99 21.87
N GLN B 74 0.19 4.09 22.61
CA GLN B 74 1.27 3.28 22.06
C GLN B 74 0.69 1.93 21.64
N LEU B 75 0.71 1.67 20.34
CA LEU B 75 0.21 0.40 19.82
C LEU B 75 1.03 -0.76 20.38
N THR B 76 0.34 -1.76 20.91
CA THR B 76 1.04 -2.92 21.46
C THR B 76 1.71 -3.71 20.34
N PRO B 77 2.73 -4.50 20.67
CA PRO B 77 3.30 -5.40 19.65
C PRO B 77 2.28 -6.36 19.08
N PHE B 78 1.30 -6.79 19.88
CA PHE B 78 0.24 -7.64 19.35
C PHE B 78 -0.59 -6.92 18.30
N CYS B 79 -0.94 -5.65 18.56
CA CYS B 79 -1.76 -4.89 17.62
C CYS B 79 -1.03 -4.67 16.30
N THR B 80 0.26 -4.33 16.37
CA THR B 80 1.05 -4.17 15.15
C THR B 80 1.22 -5.50 14.45
N GLU B 81 1.42 -6.57 15.22
CA GLU B 81 1.46 -7.91 14.63
C GLU B 81 0.15 -8.25 13.94
N LEU B 82 -0.98 -7.92 14.56
CA LEU B 82 -2.28 -8.30 14.01
C LEU B 82 -2.61 -7.49 12.76
N THR B 83 -2.55 -6.16 12.87
CA THR B 83 -3.03 -5.27 11.82
C THR B 83 -1.93 -4.84 10.84
N GLY B 84 -0.67 -4.94 11.22
CA GLY B 84 0.40 -4.37 10.43
C GLY B 84 0.58 -2.88 10.61
N ILE B 85 -0.27 -2.22 11.38
CA ILE B 85 -0.17 -0.77 11.58
C ILE B 85 0.94 -0.49 12.60
N ILE B 86 1.89 0.35 12.23
CA ILE B 86 2.99 0.72 13.09
C ILE B 86 2.73 2.08 13.71
N GLN B 87 3.52 2.43 14.73
CA GLN B 87 3.29 3.67 15.47
C GLN B 87 3.36 4.90 14.55
N ALA B 88 4.28 4.89 13.59
CA ALA B 88 4.46 6.03 12.69
C ALA B 88 3.24 6.27 11.80
N MET B 89 2.33 5.31 11.71
CA MET B 89 1.11 5.48 10.92
C MET B 89 -0.02 6.15 11.69
N VAL B 90 0.03 6.16 13.01
CA VAL B 90 -0.99 6.83 13.81
C VAL B 90 -0.49 8.12 14.45
N ASP B 91 0.81 8.26 14.66
CA ASP B 91 1.35 9.46 15.31
C ASP B 91 0.93 10.71 14.54
N GLY B 92 0.48 11.73 15.27
CA GLY B 92 0.10 13.00 14.69
C GLY B 92 -1.21 13.01 13.93
N GLN B 93 -1.88 11.87 13.80
CA GLN B 93 -3.12 11.81 13.07
C GLN B 93 -4.26 12.45 13.86
N PRO B 94 -5.34 12.83 13.18
CA PRO B 94 -6.51 13.36 13.90
C PRO B 94 -7.09 12.34 14.86
N SER B 95 -7.79 12.85 15.87
CA SER B 95 -8.53 11.99 16.80
C SER B 95 -9.85 11.55 16.16
N LEU B 96 -10.53 10.63 16.84
CA LEU B 96 -11.76 10.08 16.28
C LEU B 96 -12.78 11.17 15.99
N GLN B 97 -12.92 12.16 16.89
CA GLN B 97 -13.88 13.22 16.68
C GLN B 97 -13.57 13.98 15.38
N GLN B 98 -12.29 14.32 15.17
CA GLN B 98 -11.91 15.05 13.98
C GLN B 98 -12.07 14.18 12.73
N VAL B 99 -11.69 12.90 12.82
CA VAL B 99 -11.88 11.98 11.70
C VAL B 99 -13.35 11.87 11.36
N LEU B 100 -14.22 11.84 12.37
CA LEU B 100 -15.66 11.75 12.11
C LEU B 100 -16.17 12.98 11.37
N GLU B 101 -15.58 14.15 11.63
CA GLU B 101 -15.93 15.33 10.86
C GLU B 101 -15.40 15.22 9.43
N ARG B 102 -14.19 14.68 9.27
CA ARG B 102 -13.66 14.43 7.93
C ARG B 102 -14.55 13.45 7.17
N VAL B 103 -15.11 12.45 7.86
CA VAL B 103 -16.02 11.51 7.23
C VAL B 103 -17.24 12.25 6.67
N ASP B 104 -17.83 13.12 7.48
CA ASP B 104 -19.02 13.85 7.05
C ASP B 104 -18.72 14.74 5.84
N GLU B 105 -17.51 15.31 5.79
CA GLU B 105 -17.11 16.09 4.62
C GLU B 105 -16.97 15.22 3.38
N TRP B 106 -16.44 14.01 3.54
CA TRP B 106 -16.39 13.07 2.43
C TRP B 106 -17.78 12.62 2.02
N MET B 107 -18.67 12.43 2.99
CA MET B 107 -20.06 12.12 2.68
C MET B 107 -20.69 13.24 1.84
N ALA B 108 -20.54 14.48 2.29
CA ALA B 108 -21.10 15.61 1.55
C ALA B 108 -20.48 15.71 0.16
N LYS B 109 -19.14 15.66 0.09
CA LYS B 109 -18.44 15.76 -1.18
C LYS B 109 -18.95 14.76 -2.21
N GLU B 110 -19.36 13.57 -1.75
CA GLU B 110 -19.75 12.48 -2.64
C GLU B 110 -21.25 12.41 -2.87
N GLY B 111 -22.01 13.41 -2.40
CA GLY B 111 -23.44 13.42 -2.58
C GLY B 111 -24.21 12.48 -1.68
N LEU B 112 -23.55 11.88 -0.69
CA LEU B 112 -24.18 10.89 0.18
C LEU B 112 -25.03 11.52 1.29
N LEU B 113 -24.93 12.83 1.50
CA LEU B 113 -25.82 13.52 2.43
C LEU B 113 -27.07 14.06 1.73
N ASP B 114 -27.19 13.87 0.43
CA ASP B 114 -28.40 14.23 -0.29
C ASP B 114 -29.53 13.28 0.09
N PRO B 115 -30.68 13.80 0.54
CA PRO B 115 -31.81 12.90 0.83
C PRO B 115 -32.27 12.08 -0.37
N ASN B 116 -32.00 12.54 -1.60
CA ASN B 116 -32.40 11.80 -2.79
C ASN B 116 -31.48 10.64 -3.10
N VAL B 117 -30.25 10.64 -2.58
CA VAL B 117 -29.32 9.53 -2.78
C VAL B 117 -29.48 8.55 -1.63
N LYS B 118 -29.64 7.28 -1.96
CA LYS B 118 -29.85 6.23 -0.97
C LYS B 118 -28.61 5.36 -0.89
N SER B 119 -28.03 5.26 0.30
CA SER B 119 -26.84 4.47 0.53
C SER B 119 -26.94 3.81 1.91
N ILE B 120 -26.07 2.83 2.14
CA ILE B 120 -26.08 2.09 3.40
C ILE B 120 -24.70 1.50 3.59
N PHE B 121 -24.28 1.41 4.85
CA PHE B 121 -22.99 0.82 5.17
C PHE B 121 -23.07 -0.70 5.11
N VAL B 122 -21.97 -1.32 4.67
CA VAL B 122 -21.83 -2.77 4.63
C VAL B 122 -20.59 -3.13 5.44
N THR B 123 -20.77 -3.98 6.45
CA THR B 123 -19.66 -4.39 7.30
C THR B 123 -19.63 -5.91 7.38
N CYS B 124 -18.49 -6.44 7.80
CA CYS B 124 -18.35 -7.88 8.06
C CYS B 124 -18.69 -8.11 9.52
N GLY B 125 -19.93 -8.51 9.79
CA GLY B 125 -20.41 -8.59 11.15
C GLY B 125 -21.10 -7.30 11.57
N ASP B 126 -21.47 -7.26 12.84
CA ASP B 126 -22.13 -6.07 13.39
C ASP B 126 -21.25 -5.28 14.36
N TRP B 127 -20.06 -5.78 14.69
CA TRP B 127 -19.27 -5.20 15.76
C TRP B 127 -18.93 -3.73 15.48
N ASP B 128 -18.56 -3.41 14.24
CA ASP B 128 -18.06 -2.07 13.91
C ASP B 128 -19.05 -0.99 14.31
N LEU B 129 -20.28 -1.07 13.79
CA LEU B 129 -21.24 0.00 13.96
C LEU B 129 -22.22 -0.23 15.12
N LYS B 130 -22.27 -1.42 15.68
CA LYS B 130 -23.12 -1.67 16.84
C LYS B 130 -22.36 -1.55 18.15
N VAL B 131 -21.07 -1.86 18.18
CA VAL B 131 -20.32 -1.87 19.43
C VAL B 131 -19.19 -0.83 19.40
N MET B 132 -18.29 -0.95 18.41
CA MET B 132 -17.06 -0.17 18.43
C MET B 132 -17.34 1.33 18.33
N LEU B 133 -17.92 1.76 17.21
CA LEU B 133 -18.14 3.19 17.00
C LEU B 133 -19.04 3.81 18.06
N PRO B 134 -20.23 3.30 18.36
CA PRO B 134 -21.03 3.91 19.44
C PRO B 134 -20.32 3.86 20.79
N GLY B 135 -19.66 2.75 21.10
CA GLY B 135 -18.99 2.63 22.38
C GLY B 135 -17.94 3.70 22.61
N GLN B 136 -17.05 3.90 21.64
CA GLN B 136 -16.02 4.92 21.80
C GLN B 136 -16.62 6.32 21.77
N CYS B 137 -17.66 6.53 20.95
CA CYS B 137 -18.34 7.83 20.95
C CYS B 137 -19.00 8.09 22.30
N GLN B 138 -19.51 7.06 22.95
CA GLN B 138 -20.06 7.22 24.29
C GLN B 138 -18.95 7.56 25.30
N TYR B 139 -17.81 6.89 25.19
CA TYR B 139 -16.66 7.23 26.04
C TYR B 139 -16.29 8.70 25.88
N LEU B 140 -16.15 9.14 24.64
CA LEU B 140 -15.77 10.53 24.36
C LEU B 140 -16.93 11.50 24.50
N GLY B 141 -18.15 11.02 24.66
CA GLY B 141 -19.30 11.90 24.75
C GLY B 141 -19.63 12.60 23.45
N LEU B 142 -19.45 11.91 22.32
CA LEU B 142 -19.68 12.47 20.99
C LEU B 142 -20.92 11.86 20.36
N PRO B 143 -21.63 12.62 19.54
CA PRO B 143 -22.82 12.07 18.88
C PRO B 143 -22.44 11.24 17.65
N VAL B 144 -23.16 10.14 17.47
CA VAL B 144 -22.97 9.29 16.30
C VAL B 144 -23.85 9.80 15.17
N ALA B 145 -23.22 10.13 14.04
CA ALA B 145 -23.97 10.59 12.88
C ALA B 145 -25.02 9.57 12.49
N ASP B 146 -26.14 10.07 11.97
CA ASP B 146 -27.31 9.22 11.76
C ASP B 146 -27.03 8.09 10.79
N TYR B 147 -26.24 8.36 9.74
CA TYR B 147 -26.02 7.37 8.70
C TYR B 147 -25.20 6.17 9.16
N PHE B 148 -24.65 6.22 10.38
CA PHE B 148 -23.94 5.07 10.95
C PHE B 148 -24.86 4.10 11.69
N LYS B 149 -26.16 4.39 11.76
CA LYS B 149 -27.07 3.62 12.61
C LYS B 149 -27.82 2.52 11.86
N GLN B 150 -27.68 2.44 10.54
CA GLN B 150 -28.20 1.30 9.77
C GLN B 150 -27.09 0.74 8.90
N TRP B 151 -27.07 -0.58 8.75
CA TRP B 151 -26.00 -1.22 7.99
C TRP B 151 -26.44 -2.60 7.51
N ILE B 152 -25.56 -3.21 6.71
CA ILE B 152 -25.76 -4.56 6.18
C ILE B 152 -24.63 -5.44 6.72
N ASN B 153 -25.00 -6.50 7.42
CA ASN B 153 -24.04 -7.50 7.88
C ASN B 153 -23.76 -8.45 6.72
N LEU B 154 -22.56 -8.36 6.14
CA LEU B 154 -22.21 -9.19 4.99
C LEU B 154 -22.35 -10.67 5.30
N LYS B 155 -22.06 -11.08 6.54
CA LYS B 155 -22.19 -12.48 6.90
C LYS B 155 -23.65 -12.93 6.81
N LYS B 156 -24.58 -12.05 7.15
CA LYS B 156 -26.00 -12.38 7.02
C LYS B 156 -26.39 -12.53 5.55
N ALA B 157 -25.98 -11.56 4.72
CA ALA B 157 -26.25 -11.66 3.29
C ALA B 157 -25.66 -12.92 2.69
N TYR B 158 -24.42 -13.24 3.05
CA TYR B 158 -23.77 -14.45 2.56
C TYR B 158 -24.56 -15.70 2.94
N SER B 159 -25.04 -15.77 4.18
CA SER B 159 -25.79 -16.96 4.60
C SER B 159 -27.11 -17.08 3.87
N PHE B 160 -27.73 -15.93 3.56
N PHE B 160 -27.75 -15.95 3.54
CA PHE B 160 -28.97 -15.89 2.78
CA PHE B 160 -28.99 -16.04 2.77
C PHE B 160 -28.74 -16.42 1.37
C PHE B 160 -28.73 -16.49 1.34
N ALA B 161 -27.60 -16.08 0.77
CA ALA B 161 -27.30 -16.45 -0.61
C ALA B 161 -26.65 -17.82 -0.74
N MET B 162 -25.94 -18.27 0.29
CA MET B 162 -25.22 -19.53 0.21
C MET B 162 -25.83 -20.64 1.05
N GLY B 163 -26.75 -20.32 1.96
CA GLY B 163 -27.30 -21.33 2.84
C GLY B 163 -26.40 -21.78 3.97
N CYS B 164 -25.31 -21.05 4.24
CA CYS B 164 -24.41 -21.42 5.33
C CYS B 164 -23.80 -20.18 5.94
N TRP B 165 -23.37 -20.32 7.20
CA TRP B 165 -22.80 -19.20 7.94
C TRP B 165 -21.29 -19.36 8.03
N PRO B 166 -20.50 -18.37 7.60
CA PRO B 166 -19.05 -18.54 7.61
C PRO B 166 -18.49 -18.60 9.02
N LYS B 167 -17.56 -19.52 9.24
CA LYS B 167 -16.94 -19.67 10.55
C LYS B 167 -16.10 -18.46 10.91
N ASN B 168 -15.15 -18.08 10.04
CA ASN B 168 -14.15 -17.07 10.35
C ASN B 168 -14.17 -15.98 9.28
N GLY B 169 -15.27 -15.24 9.21
CA GLY B 169 -15.32 -13.97 8.51
C GLY B 169 -14.92 -14.04 7.05
N LEU B 170 -14.09 -13.06 6.65
CA LEU B 170 -13.78 -12.85 5.24
C LEU B 170 -13.02 -14.02 4.65
N LEU B 171 -12.08 -14.60 5.40
CA LEU B 171 -11.30 -15.70 4.86
C LEU B 171 -12.20 -16.87 4.49
N ASP B 172 -13.18 -17.19 5.34
CA ASP B 172 -14.05 -18.32 5.05
C ASP B 172 -15.08 -18.01 3.97
N MET B 173 -15.50 -16.76 3.85
CA MET B 173 -16.39 -16.41 2.74
C MET B 173 -15.64 -16.44 1.42
N ASN B 174 -14.36 -16.02 1.42
CA ASN B 174 -13.54 -16.18 0.23
C ASN B 174 -13.36 -17.66 -0.10
N LYS B 175 -13.17 -18.50 0.92
CA LYS B 175 -12.99 -19.93 0.69
C LYS B 175 -14.25 -20.55 0.10
N GLY B 176 -15.42 -20.22 0.65
CA GLY B 176 -16.65 -20.78 0.13
C GLY B 176 -16.92 -20.38 -1.31
N LEU B 177 -16.58 -19.14 -1.66
CA LEU B 177 -16.83 -18.62 -3.00
C LEU B 177 -15.66 -18.81 -3.94
N SER B 178 -14.59 -19.49 -3.51
CA SER B 178 -13.41 -19.76 -4.34
C SER B 178 -12.79 -18.46 -4.85
N LEU B 179 -12.61 -17.51 -3.94
CA LEU B 179 -11.96 -16.24 -4.24
C LEU B 179 -10.62 -16.17 -3.53
N GLN B 180 -9.59 -15.70 -4.25
CA GLN B 180 -8.31 -15.45 -3.62
C GLN B 180 -8.41 -14.22 -2.74
N HIS B 181 -7.87 -14.31 -1.52
CA HIS B 181 -7.93 -13.22 -0.57
C HIS B 181 -7.08 -12.05 -1.06
N ILE B 182 -7.63 -10.85 -0.94
CA ILE B 182 -6.95 -9.63 -1.41
C ILE B 182 -6.18 -9.02 -0.25
N GLY B 183 -4.88 -8.81 -0.45
CA GLY B 183 -4.11 -8.04 0.51
C GLY B 183 -3.91 -8.78 1.83
N ARG B 184 -3.76 -7.99 2.89
CA ARG B 184 -3.40 -8.49 4.21
C ARG B 184 -4.63 -8.58 5.10
N PRO B 185 -4.93 -9.75 5.68
CA PRO B 185 -6.01 -9.80 6.67
C PRO B 185 -5.74 -8.85 7.82
N HIS B 186 -6.81 -8.20 8.29
CA HIS B 186 -6.80 -7.25 9.40
C HIS B 186 -6.13 -5.94 9.05
N SER B 187 -5.86 -5.69 7.77
CA SER B 187 -5.67 -4.34 7.27
C SER B 187 -7.05 -3.82 6.88
N GLY B 188 -7.44 -2.68 7.45
CA GLY B 188 -8.80 -2.19 7.24
C GLY B 188 -9.12 -1.99 5.78
N ILE B 189 -8.20 -1.36 5.03
CA ILE B 189 -8.45 -1.09 3.62
C ILE B 189 -8.54 -2.39 2.83
N ASP B 190 -7.67 -3.36 3.12
CA ASP B 190 -7.73 -4.62 2.39
C ASP B 190 -8.97 -5.42 2.76
N ASP B 191 -9.37 -5.41 4.03
CA ASP B 191 -10.63 -6.06 4.42
C ASP B 191 -11.79 -5.49 3.62
N CYS B 192 -11.80 -4.16 3.43
CA CYS B 192 -12.86 -3.53 2.65
C CYS B 192 -12.84 -4.00 1.20
N LYS B 193 -11.65 -4.20 0.64
CA LYS B 193 -11.56 -4.67 -0.74
C LYS B 193 -12.08 -6.09 -0.87
N ASN B 194 -11.84 -6.95 0.13
CA ASN B 194 -12.41 -8.28 0.12
C ASN B 194 -13.93 -8.24 0.23
N ILE B 195 -14.46 -7.39 1.10
CA ILE B 195 -15.90 -7.23 1.23
C ILE B 195 -16.50 -6.84 -0.13
N ALA B 196 -15.92 -5.83 -0.77
CA ALA B 196 -16.42 -5.42 -2.09
C ALA B 196 -16.34 -6.56 -3.08
N ASN B 197 -15.24 -7.33 -3.04
CA ASN B 197 -15.09 -8.45 -3.97
C ASN B 197 -16.13 -9.53 -3.73
N ILE B 198 -16.46 -9.80 -2.46
CA ILE B 198 -17.48 -10.80 -2.15
C ILE B 198 -18.85 -10.28 -2.56
N MET B 199 -19.13 -8.99 -2.30
CA MET B 199 -20.40 -8.41 -2.71
C MET B 199 -20.59 -8.51 -4.22
N LYS B 200 -19.52 -8.35 -4.98
CA LYS B 200 -19.61 -8.49 -6.43
C LYS B 200 -20.05 -9.89 -6.81
N THR B 201 -19.45 -10.91 -6.20
CA THR B 201 -19.79 -12.29 -6.52
C THR B 201 -21.23 -12.61 -6.13
N LEU B 202 -21.65 -12.18 -4.94
CA LEU B 202 -23.02 -12.43 -4.51
C LEU B 202 -24.02 -11.73 -5.42
N ALA B 203 -23.77 -10.45 -5.73
CA ALA B 203 -24.64 -9.75 -6.67
C ALA B 203 -24.57 -10.38 -8.06
N TYR B 204 -23.41 -10.91 -8.46
CA TYR B 204 -23.32 -11.65 -9.71
C TYR B 204 -24.20 -12.89 -9.67
N ARG B 205 -24.20 -13.62 -8.55
CA ARG B 205 -25.06 -14.79 -8.42
C ARG B 205 -26.54 -14.41 -8.26
N GLY B 206 -26.87 -13.14 -8.36
CA GLY B 206 -28.26 -12.70 -8.37
C GLY B 206 -28.81 -12.17 -7.06
N PHE B 207 -27.96 -11.79 -6.12
CA PHE B 207 -28.42 -11.42 -4.79
C PHE B 207 -28.81 -9.94 -4.74
N ILE B 208 -29.86 -9.66 -3.99
CA ILE B 208 -30.32 -8.30 -3.73
C ILE B 208 -30.12 -8.01 -2.24
N PHE B 209 -29.34 -6.98 -1.94
CA PHE B 209 -28.97 -6.70 -0.56
C PHE B 209 -30.07 -5.95 0.17
N LYS B 210 -30.21 -6.24 1.46
CA LYS B 210 -31.21 -5.60 2.29
C LYS B 210 -30.59 -5.27 3.65
N GLN B 211 -31.03 -4.15 4.23
CA GLN B 211 -30.59 -3.77 5.56
C GLN B 211 -30.83 -4.91 6.55
N THR B 212 -29.86 -5.12 7.43
CA THR B 212 -29.97 -6.15 8.46
C THR B 212 -29.96 -5.61 9.88
N SER B 213 -29.51 -4.38 10.10
CA SER B 213 -29.53 -3.79 11.43
C SER B 213 -30.97 -3.48 11.84
N LYS B 214 -31.22 -3.58 13.14
CA LYS B 214 -32.55 -3.34 13.69
C LYS B 214 -32.59 -2.03 14.47
#